data_6THE
#
_entry.id   6THE
#
_cell.length_a   125.141
_cell.length_b   125.141
_cell.length_c   125.141
_cell.angle_alpha   90.000
_cell.angle_beta   90.000
_cell.angle_gamma   90.000
#
_symmetry.space_group_name_H-M   'I 2 3'
#
loop_
_entity.id
_entity.type
_entity.pdbx_description
1 polymer 'Copper-containing nitrite reductase'
2 non-polymer 'COPPER (II) ION'
3 non-polymer 'YTTERBIUM (III) ION'
4 non-polymer 'ERBIUM (III) ION'
5 non-polymer 'TERBIUM(III) ION'
6 non-polymer 'YTTRIUM (III) ION'
7 non-polymer 'CHLORIDE ION'
8 non-polymer pentane-1,5-diol
9 water water
#
_entity_poly.entity_id   1
_entity_poly.type   'polypeptide(L)'
_entity_poly.pdbx_seq_one_letter_code
;MPQTVVEADISREPDDVPPPIGKRAPQTVRVDLLSVELEGRLAEGTTFGYWTFNGKVPGPLLRVRVGDTVEIHLKNAADS
AMIHSVDFHAAIAPGGGAAALQVEPGGEKAITWKALVPGLFVYHCATPMVAEHIANGMYGMILVEPEGGLPPVDHEFYVM
QGEIYSDIPYGQHGSAEFSVEKLLAERPEYFVFNGSVGALSKLHPLKAKVGDTVRIFFGVGGPNHASSFHVIGEIFDKVD
LFGGLTTPPLAGIQTVTVPPGGAAIAEFKVEVPGTYTLVDHALARAERGLLGILHVQGPENPDIYNGVALPGAGHENLYF
Q
;
_entity_poly.pdbx_strand_id   A
#
loop_
_chem_comp.id
_chem_comp.type
_chem_comp.name
_chem_comp.formula
9JE non-polymer pentane-1,5-diol 'C5 H12 O2'
CL non-polymer 'CHLORIDE ION' 'Cl -1'
CU non-polymer 'COPPER (II) ION' 'Cu 2'
ER3 non-polymer 'ERBIUM (III) ION' 'Er 3'
TB non-polymer 'TERBIUM(III) ION' 'Tb 3'
YB non-polymer 'YTTERBIUM (III) ION' 'Yb 3'
YT3 non-polymer 'YTTRIUM (III) ION' 'Y 3'
#
# COMPACT_ATOMS: atom_id res chain seq x y z
N ALA A 8 9.17 -8.65 -14.43
CA ALA A 8 9.70 -7.33 -14.91
C ALA A 8 8.98 -6.19 -14.19
N ASP A 9 7.64 -6.22 -14.22
CA ASP A 9 6.81 -5.18 -13.63
C ASP A 9 6.36 -5.60 -12.24
N ILE A 10 6.94 -4.97 -11.22
CA ILE A 10 6.68 -5.30 -9.83
C ILE A 10 5.58 -4.40 -9.28
N SER A 11 5.26 -3.33 -10.03
CA SER A 11 4.31 -2.32 -9.59
C SER A 11 2.91 -2.92 -9.51
N ARG A 12 2.26 -2.73 -8.36
CA ARG A 12 0.87 -3.13 -8.20
C ARG A 12 -0.04 -2.01 -8.67
N GLU A 13 -1.04 -2.37 -9.47
CA GLU A 13 -2.00 -1.44 -10.03
C GLU A 13 -2.90 -0.91 -8.91
N PRO A 14 -3.24 0.40 -8.94
CA PRO A 14 -4.08 1.00 -7.89
C PRO A 14 -5.52 0.49 -7.96
N ASP A 15 -5.93 0.06 -9.16
CA ASP A 15 -7.30 -0.40 -9.41
C ASP A 15 -7.44 -1.87 -9.06
N ASP A 16 -6.35 -2.48 -8.57
CA ASP A 16 -6.35 -3.87 -8.14
C ASP A 16 -6.94 -3.95 -6.74
N VAL A 17 -8.28 -3.92 -6.67
CA VAL A 17 -9.01 -3.87 -5.41
C VAL A 17 -10.06 -4.98 -5.43
N PRO A 18 -10.20 -5.77 -4.33
CA PRO A 18 -11.27 -6.76 -4.22
C PRO A 18 -12.65 -6.11 -4.21
N PRO A 19 -13.71 -6.81 -4.68
CA PRO A 19 -15.08 -6.29 -4.61
C PRO A 19 -15.52 -6.13 -3.16
N PRO A 20 -16.26 -5.03 -2.83
CA PRO A 20 -16.65 -4.74 -1.45
C PRO A 20 -17.53 -5.82 -0.82
N ILE A 21 -17.38 -6.02 0.49
CA ILE A 21 -18.27 -6.85 1.28
C ILE A 21 -19.60 -6.11 1.39
N GLY A 22 -20.69 -6.83 1.11
CA GLY A 22 -22.04 -6.27 1.20
C GLY A 22 -22.50 -6.18 2.65
N LYS A 23 -23.63 -6.83 2.94
CA LYS A 23 -24.20 -6.86 4.28
C LYS A 23 -24.15 -8.30 4.80
N ARG A 24 -23.22 -9.08 4.26
CA ARG A 24 -23.09 -10.50 4.57
C ARG A 24 -22.63 -10.69 6.02
N ALA A 25 -22.95 -11.86 6.56
CA ALA A 25 -22.62 -12.21 7.94
C ALA A 25 -21.15 -12.64 8.03
N PRO A 26 -20.56 -12.68 9.25
CA PRO A 26 -19.19 -13.16 9.43
C PRO A 26 -18.99 -14.59 8.92
N GLN A 27 -17.79 -14.87 8.37
CA GLN A 27 -17.47 -16.16 7.79
C GLN A 27 -15.97 -16.39 7.85
N THR A 28 -15.56 -17.64 7.55
CA THR A 28 -14.15 -17.99 7.45
C THR A 28 -13.65 -17.63 6.05
N VAL A 29 -12.56 -16.86 6.00
CA VAL A 29 -11.97 -16.39 4.76
C VAL A 29 -10.56 -16.96 4.64
N ARG A 30 -10.29 -17.64 3.53
CA ARG A 30 -8.97 -18.20 3.25
C ARG A 30 -8.15 -17.18 2.46
N VAL A 31 -6.88 -17.03 2.84
CA VAL A 31 -5.94 -16.15 2.16
C VAL A 31 -4.67 -16.94 1.85
N ASP A 32 -4.22 -16.86 0.60
CA ASP A 32 -3.02 -17.55 0.15
C ASP A 32 -2.00 -16.53 -0.33
N LEU A 33 -0.94 -16.33 0.47
CA LEU A 33 0.14 -15.41 0.14
C LEU A 33 1.42 -16.20 -0.14
N LEU A 34 2.09 -15.83 -1.22
CA LEU A 34 3.35 -16.45 -1.63
C LEU A 34 4.43 -15.39 -1.69
N SER A 35 5.51 -15.62 -0.91
CA SER A 35 6.64 -14.71 -0.87
C SER A 35 7.63 -15.07 -1.97
N VAL A 36 7.86 -14.12 -2.89
CA VAL A 36 8.72 -14.33 -4.05
C VAL A 36 9.78 -13.24 -4.08
N GLU A 37 11.03 -13.67 -4.37
CA GLU A 37 12.13 -12.75 -4.62
C GLU A 37 12.42 -12.75 -6.12
N LEU A 38 12.33 -11.58 -6.74
CA LEU A 38 12.52 -11.47 -8.18
C LEU A 38 13.13 -10.11 -8.54
N GLU A 39 13.80 -10.07 -9.69
CA GLU A 39 14.40 -8.86 -10.23
C GLU A 39 13.32 -8.07 -10.97
N GLY A 40 13.09 -6.83 -10.51
CA GLY A 40 12.02 -6.00 -11.05
C GLY A 40 12.53 -4.61 -11.45
N ARG A 41 11.71 -3.91 -12.25
CA ARG A 41 12.01 -2.58 -12.73
C ARG A 41 11.71 -1.57 -11.62
N LEU A 42 12.77 -0.94 -11.09
CA LEU A 42 12.67 0.10 -10.09
C LEU A 42 12.48 1.45 -10.78
N ALA A 43 13.35 1.71 -11.76
CA ALA A 43 13.28 2.88 -12.61
C ALA A 43 13.65 2.49 -14.03
N GLU A 44 13.64 3.45 -14.95
CA GLU A 44 14.03 3.19 -16.33
C GLU A 44 15.54 2.99 -16.39
N GLY A 45 15.94 1.76 -16.73
CA GLY A 45 17.34 1.38 -16.83
C GLY A 45 17.87 0.82 -15.51
N THR A 46 17.05 0.89 -14.46
CA THR A 46 17.47 0.47 -13.13
C THR A 46 16.59 -0.68 -12.64
N THR A 47 17.25 -1.76 -12.18
CA THR A 47 16.57 -2.92 -11.63
C THR A 47 16.99 -3.09 -10.17
N PHE A 48 16.13 -3.76 -9.39
CA PHE A 48 16.35 -3.92 -7.96
C PHE A 48 15.94 -5.34 -7.52
N GLY A 49 16.58 -5.82 -6.46
CA GLY A 49 16.25 -7.11 -5.86
C GLY A 49 15.10 -6.99 -4.88
N TYR A 50 13.88 -7.28 -5.37
CA TYR A 50 12.66 -7.11 -4.61
C TYR A 50 12.29 -8.39 -3.88
N TRP A 51 11.87 -8.23 -2.61
CA TRP A 51 11.15 -9.26 -1.89
C TRP A 51 9.67 -8.86 -1.85
N THR A 52 8.80 -9.75 -2.33
CA THR A 52 7.42 -9.39 -2.62
C THR A 52 6.44 -10.40 -2.02
N PHE A 53 5.19 -9.96 -1.87
CA PHE A 53 4.05 -10.83 -1.66
C PHE A 53 3.28 -10.94 -2.98
N ASN A 54 3.32 -12.13 -3.58
CA ASN A 54 2.59 -12.46 -4.80
C ASN A 54 3.20 -11.74 -6.00
N GLY A 55 4.48 -11.38 -5.90
CA GLY A 55 5.28 -10.94 -7.04
C GLY A 55 5.15 -9.45 -7.35
N LYS A 56 4.43 -8.72 -6.49
CA LYS A 56 4.19 -7.30 -6.72
C LYS A 56 4.37 -6.52 -5.43
N VAL A 57 4.71 -5.23 -5.56
CA VAL A 57 4.84 -4.30 -4.45
C VAL A 57 3.85 -3.16 -4.65
N PRO A 58 2.94 -2.89 -3.68
CA PRO A 58 2.85 -3.67 -2.44
C PRO A 58 2.16 -5.00 -2.65
N GLY A 59 1.98 -5.75 -1.55
CA GLY A 59 1.29 -7.03 -1.58
C GLY A 59 -0.19 -6.87 -1.89
N PRO A 60 -0.92 -7.98 -2.16
CA PRO A 60 -2.35 -7.91 -2.47
C PRO A 60 -3.17 -7.28 -1.36
N LEU A 61 -4.08 -6.37 -1.75
CA LEU A 61 -5.02 -5.77 -0.82
C LEU A 61 -6.07 -6.81 -0.45
N LEU A 62 -6.24 -7.03 0.86
CA LEU A 62 -7.18 -8.02 1.38
C LEU A 62 -8.39 -7.31 1.96
N ARG A 63 -9.55 -7.96 1.89
CA ARG A 63 -10.81 -7.34 2.25
C ARG A 63 -11.68 -8.34 3.01
N VAL A 64 -11.91 -8.06 4.29
CA VAL A 64 -12.74 -8.91 5.14
C VAL A 64 -13.73 -8.04 5.92
N ARG A 65 -14.56 -8.72 6.73
CA ARG A 65 -15.56 -8.10 7.58
C ARG A 65 -15.13 -8.28 9.03
N VAL A 66 -15.75 -7.52 9.95
CA VAL A 66 -15.52 -7.71 11.37
C VAL A 66 -16.20 -9.01 11.79
N GLY A 67 -15.46 -9.85 12.53
CA GLY A 67 -15.95 -11.13 12.99
C GLY A 67 -15.50 -12.28 12.09
N ASP A 68 -14.84 -11.92 10.99
CA ASP A 68 -14.32 -12.89 10.03
C ASP A 68 -13.08 -13.56 10.61
N THR A 69 -13.07 -14.90 10.59
CA THR A 69 -11.89 -15.67 10.93
C THR A 69 -11.05 -15.86 9.67
N VAL A 70 -9.89 -15.20 9.65
CA VAL A 70 -9.01 -15.20 8.49
C VAL A 70 -8.06 -16.38 8.60
N GLU A 71 -8.18 -17.31 7.65
CA GLU A 71 -7.29 -18.46 7.53
C GLU A 71 -6.18 -18.12 6.55
N ILE A 72 -5.03 -17.70 7.08
CA ILE A 72 -3.91 -17.23 6.28
C ILE A 72 -2.91 -18.36 6.06
N HIS A 73 -2.63 -18.64 4.79
CA HIS A 73 -1.60 -19.58 4.38
C HIS A 73 -0.43 -18.79 3.78
N LEU A 74 0.78 -19.07 4.26
CA LEU A 74 1.97 -18.43 3.73
C LEU A 74 2.93 -19.48 3.18
N LYS A 75 3.08 -19.47 1.86
CA LYS A 75 4.01 -20.32 1.14
C LYS A 75 5.23 -19.49 0.76
N ASN A 76 6.42 -20.11 0.86
CA ASN A 76 7.65 -19.47 0.43
C ASN A 76 8.19 -20.22 -0.79
N ALA A 77 8.53 -19.46 -1.83
CA ALA A 77 9.06 -19.99 -3.08
C ALA A 77 10.35 -20.76 -2.80
N ALA A 78 10.60 -21.78 -3.63
CA ALA A 78 11.72 -22.70 -3.44
C ALA A 78 13.04 -22.00 -3.74
N ASP A 79 12.99 -20.97 -4.60
CA ASP A 79 14.18 -20.30 -5.09
C ASP A 79 14.49 -19.08 -4.20
N SER A 80 13.71 -18.89 -3.14
CA SER A 80 13.91 -17.80 -2.22
C SER A 80 15.17 -18.04 -1.39
N ALA A 81 15.82 -16.94 -0.97
CA ALA A 81 17.09 -17.00 -0.26
C ALA A 81 16.90 -16.57 1.19
N MET A 82 15.67 -16.15 1.54
CA MET A 82 15.40 -15.60 2.87
C MET A 82 14.17 -16.27 3.47
N ILE A 83 14.11 -16.26 4.81
CA ILE A 83 12.94 -16.65 5.56
C ILE A 83 11.95 -15.49 5.50
N HIS A 84 10.66 -15.81 5.33
CA HIS A 84 9.63 -14.79 5.20
C HIS A 84 8.48 -15.08 6.17
N SER A 85 7.84 -14.00 6.63
CA SER A 85 6.68 -14.07 7.50
C SER A 85 5.68 -12.99 7.09
N VAL A 86 4.62 -12.81 7.90
CA VAL A 86 3.64 -11.76 7.68
C VAL A 86 3.03 -11.35 9.02
N ASP A 87 3.07 -10.04 9.28
CA ASP A 87 2.54 -9.43 10.50
C ASP A 87 1.32 -8.59 10.13
N PHE A 88 0.15 -9.01 10.64
CA PHE A 88 -1.10 -8.30 10.40
C PHE A 88 -1.37 -7.36 11.57
N HIS A 89 -1.68 -6.09 11.24
CA HIS A 89 -2.01 -5.09 12.24
C HIS A 89 -3.46 -5.25 12.68
N ALA A 90 -4.21 -6.08 11.95
CA ALA A 90 -5.61 -6.34 12.24
C ALA A 90 -5.73 -7.51 13.22
N ALA A 91 -4.60 -8.16 13.48
CA ALA A 91 -4.58 -9.40 14.25
C ALA A 91 -4.19 -9.13 15.70
N ILE A 92 -4.90 -9.82 16.62
CA ILE A 92 -4.53 -9.89 18.02
C ILE A 92 -3.79 -11.21 18.23
N ALA A 93 -2.47 -11.17 17.98
CA ALA A 93 -1.63 -12.35 18.00
C ALA A 93 -0.17 -11.94 18.23
N PRO A 94 0.65 -12.78 18.91
CA PRO A 94 2.07 -12.48 19.10
C PRO A 94 2.77 -12.28 17.75
N GLY A 95 3.37 -11.09 17.57
CA GLY A 95 4.04 -10.74 16.33
C GLY A 95 3.05 -10.47 15.19
N GLY A 96 1.76 -10.34 15.54
CA GLY A 96 0.70 -10.17 14.58
C GLY A 96 0.43 -11.45 13.79
N GLY A 97 0.82 -12.60 14.39
CA GLY A 97 0.65 -13.90 13.78
C GLY A 97 1.91 -14.37 13.05
N ALA A 98 2.97 -13.55 13.11
CA ALA A 98 4.21 -13.82 12.41
C ALA A 98 5.11 -14.74 13.24
N ALA A 99 4.72 -14.96 14.50
CA ALA A 99 5.47 -15.80 15.42
C ALA A 99 5.48 -17.25 14.93
N ALA A 100 4.38 -17.65 14.30
CA ALA A 100 4.20 -19.02 13.82
C ALA A 100 4.03 -19.04 12.31
N LEU A 101 4.51 -18.00 11.63
CA LEU A 101 4.46 -17.92 10.19
C LEU A 101 5.85 -17.66 9.62
N GLN A 102 6.88 -18.05 10.37
CA GLN A 102 8.25 -18.01 9.89
C GLN A 102 8.44 -19.20 8.94
N VAL A 103 8.38 -18.92 7.64
CA VAL A 103 8.37 -19.96 6.62
C VAL A 103 9.72 -19.97 5.89
N GLU A 104 10.36 -21.14 5.88
CA GLU A 104 11.58 -21.39 5.13
C GLU A 104 11.23 -21.55 3.65
N PRO A 105 12.14 -21.17 2.72
CA PRO A 105 11.89 -21.35 1.29
C PRO A 105 11.57 -22.80 0.93
N GLY A 106 10.33 -23.03 0.48
CA GLY A 106 9.86 -24.35 0.09
C GLY A 106 8.67 -24.81 0.93
N GLY A 107 8.69 -24.46 2.23
CA GLY A 107 7.69 -24.90 3.18
C GLY A 107 6.41 -24.06 3.12
N GLU A 108 5.48 -24.36 4.04
CA GLU A 108 4.20 -23.67 4.14
C GLU A 108 3.66 -23.81 5.56
N LYS A 109 3.24 -22.68 6.14
CA LYS A 109 2.63 -22.64 7.46
C LYS A 109 1.27 -21.94 7.35
N ALA A 110 0.39 -22.21 8.33
CA ALA A 110 -0.95 -21.65 8.34
C ALA A 110 -1.42 -21.40 9.78
N ILE A 111 -2.07 -20.25 9.98
CA ILE A 111 -2.70 -19.89 11.24
C ILE A 111 -4.09 -19.32 10.94
N THR A 112 -4.94 -19.24 11.97
CA THR A 112 -6.22 -18.56 11.88
C THR A 112 -6.30 -17.48 12.95
N TRP A 113 -6.78 -16.31 12.56
CA TRP A 113 -7.04 -15.21 13.48
C TRP A 113 -8.38 -14.56 13.15
N LYS A 114 -9.01 -13.98 14.17
CA LYS A 114 -10.31 -13.34 14.01
C LYS A 114 -10.15 -11.82 14.03
N ALA A 115 -10.79 -11.16 13.06
CA ALA A 115 -10.80 -9.70 12.98
C ALA A 115 -11.85 -9.15 13.92
N LEU A 116 -11.42 -8.27 14.84
CA LEU A 116 -12.27 -7.77 15.90
C LEU A 116 -12.47 -6.26 15.75
N VAL A 117 -11.51 -5.60 15.09
CA VAL A 117 -11.51 -4.15 14.98
C VAL A 117 -11.67 -3.77 13.51
N PRO A 118 -12.65 -2.90 13.16
CA PRO A 118 -12.79 -2.39 11.80
C PRO A 118 -11.73 -1.34 11.48
N GLY A 119 -11.34 -1.27 10.20
CA GLY A 119 -10.37 -0.29 9.74
C GLY A 119 -9.40 -0.86 8.71
N LEU A 120 -8.55 0.02 8.18
CA LEU A 120 -7.53 -0.34 7.21
C LEU A 120 -6.21 -0.56 7.96
N PHE A 121 -5.68 -1.78 7.86
CA PHE A 121 -4.50 -2.18 8.61
C PHE A 121 -3.37 -2.57 7.65
N VAL A 122 -2.14 -2.25 8.05
CA VAL A 122 -0.94 -2.58 7.30
C VAL A 122 -0.55 -4.02 7.64
N TYR A 123 -0.05 -4.74 6.63
CA TYR A 123 0.65 -6.00 6.88
C TYR A 123 2.03 -5.95 6.24
N HIS A 124 2.98 -6.70 6.82
CA HIS A 124 4.36 -6.71 6.37
C HIS A 124 5.07 -7.95 6.90
N CYS A 125 6.22 -8.27 6.29
CA CYS A 125 7.08 -9.35 6.76
C CYS A 125 7.75 -8.93 8.07
N ALA A 126 7.80 -9.86 9.02
CA ALA A 126 8.37 -9.60 10.34
C ALA A 126 9.49 -10.60 10.63
N THR A 127 10.43 -10.72 9.69
CA THR A 127 11.59 -11.58 9.83
C THR A 127 12.83 -10.71 9.99
N PRO A 128 13.69 -10.96 11.00
CA PRO A 128 14.93 -10.21 11.18
C PRO A 128 15.83 -10.19 9.95
N MET A 129 16.27 -8.98 9.55
CA MET A 129 15.84 -7.75 10.20
C MET A 129 14.64 -7.17 9.45
N VAL A 130 13.65 -6.73 10.22
CA VAL A 130 12.30 -6.45 9.76
C VAL A 130 12.32 -5.25 8.81
N ALA A 131 13.16 -4.26 9.11
CA ALA A 131 13.24 -3.02 8.34
C ALA A 131 13.69 -3.31 6.91
N GLU A 132 14.54 -4.34 6.74
CA GLU A 132 15.06 -4.73 5.44
C GLU A 132 13.97 -5.40 4.61
N HIS A 133 13.23 -6.32 5.24
CA HIS A 133 12.20 -7.11 4.58
C HIS A 133 11.09 -6.19 4.06
N ILE A 134 10.74 -5.18 4.87
CA ILE A 134 9.73 -4.21 4.50
C ILE A 134 10.25 -3.36 3.34
N ALA A 135 11.49 -2.86 3.48
CA ALA A 135 12.09 -1.95 2.52
C ALA A 135 12.20 -2.59 1.14
N ASN A 136 12.34 -3.92 1.11
CA ASN A 136 12.53 -4.66 -0.13
C ASN A 136 11.18 -4.91 -0.81
N GLY A 137 10.08 -4.58 -0.11
CA GLY A 137 8.78 -4.46 -0.73
C GLY A 137 7.72 -5.36 -0.10
N MET A 138 8.04 -5.98 1.04
CA MET A 138 7.12 -6.91 1.68
C MET A 138 6.21 -6.15 2.64
N TYR A 139 5.23 -5.44 2.07
CA TYR A 139 4.19 -4.77 2.82
C TYR A 139 2.89 -4.77 2.02
N GLY A 140 1.76 -4.72 2.72
CA GLY A 140 0.45 -4.69 2.12
C GLY A 140 -0.60 -4.12 3.08
N MET A 141 -1.88 -4.25 2.72
CA MET A 141 -2.96 -3.74 3.55
C MET A 141 -4.07 -4.78 3.65
N ILE A 142 -4.74 -4.80 4.81
CA ILE A 142 -5.93 -5.58 5.05
C ILE A 142 -7.03 -4.65 5.53
N LEU A 143 -8.13 -4.59 4.77
CA LEU A 143 -9.27 -3.78 5.11
C LEU A 143 -10.32 -4.64 5.82
N VAL A 144 -10.63 -4.27 7.06
CA VAL A 144 -11.69 -4.90 7.82
C VAL A 144 -12.89 -3.95 7.82
N GLU A 145 -13.91 -4.30 7.01
CA GLU A 145 -15.10 -3.48 6.86
C GLU A 145 -16.00 -3.68 8.07
N PRO A 146 -16.65 -2.60 8.59
CA PRO A 146 -17.54 -2.71 9.76
C PRO A 146 -18.84 -3.44 9.42
N GLU A 147 -19.68 -3.62 10.45
CA GLU A 147 -20.98 -4.25 10.30
C GLU A 147 -21.88 -3.36 9.44
N GLY A 148 -22.17 -3.84 8.22
CA GLY A 148 -22.93 -3.07 7.25
C GLY A 148 -22.09 -2.74 6.02
N GLY A 149 -20.84 -2.32 6.27
CA GLY A 149 -19.89 -2.02 5.21
C GLY A 149 -19.78 -0.52 4.95
N LEU A 150 -18.81 -0.16 4.09
CA LEU A 150 -18.57 1.22 3.70
C LEU A 150 -19.63 1.67 2.71
N PRO A 151 -20.06 2.96 2.76
CA PRO A 151 -20.93 3.52 1.72
C PRO A 151 -20.25 3.45 0.36
N PRO A 152 -20.97 3.05 -0.72
CA PRO A 152 -20.35 2.84 -2.03
C PRO A 152 -19.86 4.13 -2.69
N VAL A 153 -18.73 4.02 -3.41
CA VAL A 153 -18.16 5.12 -4.16
C VAL A 153 -17.98 4.65 -5.61
N ASP A 154 -17.57 5.59 -6.48
CA ASP A 154 -17.45 5.30 -7.91
C ASP A 154 -16.13 4.59 -8.19
N HIS A 155 -15.07 4.97 -7.45
CA HIS A 155 -13.75 4.42 -7.66
C HIS A 155 -13.07 4.12 -6.32
N GLU A 156 -12.38 2.97 -6.27
CA GLU A 156 -11.56 2.60 -5.13
C GLU A 156 -10.15 2.29 -5.60
N PHE A 157 -9.16 2.88 -4.92
CA PHE A 157 -7.76 2.74 -5.30
C PHE A 157 -6.94 2.25 -4.12
N TYR A 158 -5.79 1.64 -4.43
CA TYR A 158 -4.91 1.00 -3.46
C TYR A 158 -3.48 1.51 -3.66
N VAL A 159 -3.03 2.37 -2.74
CA VAL A 159 -1.75 3.06 -2.87
C VAL A 159 -0.97 2.89 -1.56
N MET A 160 0.31 2.54 -1.69
CA MET A 160 1.21 2.43 -0.55
C MET A 160 2.55 3.09 -0.87
N GLN A 161 3.13 3.73 0.15
CA GLN A 161 4.39 4.45 0.03
C GLN A 161 5.51 3.57 0.61
N GLY A 162 6.63 3.52 -0.11
CA GLY A 162 7.78 2.74 0.30
C GLY A 162 9.10 3.45 0.02
N GLU A 163 10.18 2.94 0.63
CA GLU A 163 11.51 3.50 0.49
C GLU A 163 12.43 2.43 -0.11
N ILE A 164 13.31 2.87 -1.01
CA ILE A 164 14.28 1.98 -1.64
C ILE A 164 15.68 2.44 -1.24
N TYR A 165 16.41 1.54 -0.57
CA TYR A 165 17.75 1.81 -0.07
C TYR A 165 18.78 1.13 -0.97
N SER A 166 18.89 1.63 -2.20
CA SER A 166 19.82 1.10 -3.18
C SER A 166 21.24 1.54 -2.85
N ASP A 167 22.21 0.66 -3.16
CA ASP A 167 23.62 0.93 -2.92
C ASP A 167 24.11 2.00 -3.88
N ILE A 168 23.70 1.88 -5.15
CA ILE A 168 24.03 2.85 -6.19
C ILE A 168 23.16 4.08 -6.01
N PRO A 169 23.69 5.29 -6.33
CA PRO A 169 22.91 6.54 -6.18
C PRO A 169 21.73 6.62 -7.14
N TYR A 170 20.79 7.51 -6.84
CA TYR A 170 19.67 7.82 -7.70
C TYR A 170 20.19 8.37 -9.03
N GLY A 171 19.69 7.78 -10.12
CA GLY A 171 20.06 8.21 -11.47
C GLY A 171 20.97 7.20 -12.16
N GLN A 172 21.67 6.40 -11.36
CA GLN A 172 22.56 5.37 -11.88
C GLN A 172 21.75 4.17 -12.34
N HIS A 173 21.99 3.75 -13.58
CA HIS A 173 21.36 2.55 -14.13
C HIS A 173 22.18 1.32 -13.74
N GLY A 174 21.55 0.14 -13.87
CA GLY A 174 22.19 -1.12 -13.53
C GLY A 174 21.46 -1.85 -12.41
N SER A 175 22.09 -2.91 -11.90
CA SER A 175 21.52 -3.73 -10.84
C SER A 175 21.75 -3.07 -9.49
N ALA A 176 20.66 -2.94 -8.71
CA ALA A 176 20.72 -2.33 -7.39
C ALA A 176 20.39 -3.37 -6.32
N GLU A 177 21.15 -3.32 -5.23
CA GLU A 177 20.92 -4.18 -4.08
C GLU A 177 20.65 -3.32 -2.85
N PHE A 178 20.15 -3.95 -1.79
CA PHE A 178 19.83 -3.29 -0.53
C PHE A 178 21.11 -2.82 0.15
N SER A 179 21.06 -1.63 0.73
CA SER A 179 22.16 -1.08 1.51
C SER A 179 21.75 -0.93 2.97
N VAL A 180 22.43 -1.66 3.85
CA VAL A 180 22.14 -1.68 5.27
C VAL A 180 22.61 -0.39 5.92
N GLU A 181 23.61 0.25 5.29
CA GLU A 181 24.20 1.49 5.78
C GLU A 181 23.19 2.62 5.64
N LYS A 182 22.55 2.70 4.47
CA LYS A 182 21.56 3.72 4.16
C LYS A 182 20.31 3.53 5.03
N LEU A 183 19.96 2.26 5.27
CA LEU A 183 18.78 1.89 6.03
C LEU A 183 18.88 2.44 7.45
N LEU A 184 20.02 2.18 8.11
CA LEU A 184 20.25 2.60 9.48
C LEU A 184 20.39 4.11 9.56
N ALA A 185 20.87 4.71 8.46
CA ALA A 185 21.04 6.15 8.37
C ALA A 185 19.70 6.83 8.04
N GLU A 186 18.72 6.00 7.62
CA GLU A 186 17.40 6.47 7.21
C GLU A 186 17.53 7.44 6.04
N ARG A 187 18.35 7.04 5.05
CA ARG A 187 18.62 7.86 3.88
C ARG A 187 18.32 7.06 2.61
N PRO A 188 17.04 6.95 2.19
CA PRO A 188 16.70 6.22 0.96
C PRO A 188 17.04 7.03 -0.29
N GLU A 189 17.39 6.31 -1.36
CA GLU A 189 17.72 6.92 -2.63
C GLU A 189 16.44 7.18 -3.41
N TYR A 190 15.43 6.32 -3.18
CA TYR A 190 14.18 6.38 -3.92
C TYR A 190 13.00 6.36 -2.94
N PHE A 191 12.02 7.23 -3.21
CA PHE A 191 10.70 7.15 -2.61
C PHE A 191 9.71 6.74 -3.69
N VAL A 192 8.92 5.70 -3.41
CA VAL A 192 8.12 5.06 -4.45
C VAL A 192 6.67 4.88 -3.97
N PHE A 193 5.74 5.09 -4.90
CA PHE A 193 4.36 4.68 -4.74
C PHE A 193 4.15 3.38 -5.50
N ASN A 194 3.72 2.33 -4.79
CA ASN A 194 3.40 1.04 -5.37
C ASN A 194 4.60 0.45 -6.10
N GLY A 195 5.76 0.43 -5.42
CA GLY A 195 6.88 -0.39 -5.84
C GLY A 195 8.00 0.38 -6.54
N SER A 196 7.66 1.09 -7.62
CA SER A 196 8.67 1.62 -8.52
C SER A 196 8.47 3.11 -8.77
N VAL A 197 9.41 3.69 -9.54
CA VAL A 197 9.36 5.08 -9.96
C VAL A 197 8.45 5.19 -11.18
N GLY A 198 7.43 6.04 -11.08
CA GLY A 198 6.46 6.23 -12.15
C GLY A 198 5.50 5.05 -12.26
N ALA A 199 5.23 4.40 -11.12
CA ALA A 199 4.35 3.24 -11.06
C ALA A 199 2.89 3.70 -11.22
N LEU A 200 2.58 4.88 -10.68
CA LEU A 200 1.25 5.47 -10.77
C LEU A 200 1.31 6.72 -11.64
N SER A 201 2.40 6.87 -12.39
CA SER A 201 2.59 7.99 -13.29
C SER A 201 2.62 7.51 -14.74
N LYS A 202 3.73 6.85 -15.11
CA LYS A 202 3.97 6.43 -16.48
C LYS A 202 3.39 5.03 -16.69
N LEU A 203 3.35 4.23 -15.62
CA LEU A 203 2.95 2.84 -15.71
C LEU A 203 1.42 2.71 -15.58
N HIS A 204 0.90 2.94 -14.37
CA HIS A 204 -0.51 2.74 -14.09
C HIS A 204 -1.12 4.03 -13.54
N PRO A 205 -1.43 5.04 -14.40
CA PRO A 205 -2.06 6.27 -13.93
C PRO A 205 -3.52 6.04 -13.54
N LEU A 206 -3.91 6.62 -12.38
CA LEU A 206 -5.27 6.56 -11.89
C LEU A 206 -6.18 7.33 -12.84
N LYS A 207 -7.40 6.82 -13.03
CA LYS A 207 -8.35 7.43 -13.95
C LYS A 207 -9.74 7.45 -13.33
N ALA A 208 -10.36 8.63 -13.36
CA ALA A 208 -11.73 8.85 -12.89
C ALA A 208 -12.42 9.83 -13.83
N LYS A 209 -13.75 9.98 -13.66
CA LYS A 209 -14.53 10.89 -14.46
C LYS A 209 -15.16 11.96 -13.56
N VAL A 210 -15.55 13.09 -14.18
CA VAL A 210 -16.09 14.23 -13.46
C VAL A 210 -17.38 13.81 -12.76
N GLY A 211 -17.40 14.01 -11.43
CA GLY A 211 -18.57 13.73 -10.61
C GLY A 211 -18.40 12.45 -9.79
N ASP A 212 -17.28 11.76 -9.96
CA ASP A 212 -17.02 10.51 -9.28
C ASP A 212 -16.53 10.77 -7.87
N THR A 213 -17.00 9.94 -6.93
CA THR A 213 -16.45 9.88 -5.59
C THR A 213 -15.34 8.84 -5.57
N VAL A 214 -14.14 9.27 -5.16
CA VAL A 214 -12.96 8.44 -5.18
C VAL A 214 -12.55 8.12 -3.74
N ARG A 215 -12.24 6.84 -3.49
CA ARG A 215 -11.74 6.40 -2.20
C ARG A 215 -10.36 5.78 -2.38
N ILE A 216 -9.35 6.40 -1.74
CA ILE A 216 -7.99 5.90 -1.79
C ILE A 216 -7.67 5.23 -0.45
N PHE A 217 -7.43 3.91 -0.52
CA PHE A 217 -6.91 3.17 0.61
C PHE A 217 -5.40 3.35 0.67
N PHE A 218 -4.98 4.41 1.37
CA PHE A 218 -3.57 4.78 1.44
C PHE A 218 -2.94 4.22 2.72
N GLY A 219 -1.70 3.76 2.59
CA GLY A 219 -0.90 3.28 3.70
C GLY A 219 0.58 3.42 3.43
N VAL A 220 1.39 3.45 4.50
CA VAL A 220 2.82 3.64 4.37
C VAL A 220 3.52 2.37 4.85
N GLY A 221 4.18 1.69 3.90
CA GLY A 221 5.04 0.57 4.22
C GLY A 221 6.28 1.03 4.98
N GLY A 222 6.84 2.16 4.55
CA GLY A 222 7.96 2.80 5.22
C GLY A 222 9.29 2.31 4.66
N PRO A 223 10.19 1.75 5.52
CA PRO A 223 9.85 1.46 6.91
C PRO A 223 10.24 2.53 7.94
N ASN A 224 10.58 3.73 7.46
CA ASN A 224 11.22 4.71 8.32
C ASN A 224 10.46 6.04 8.35
N HIS A 225 10.04 6.52 7.17
CA HIS A 225 9.56 7.88 7.04
C HIS A 225 8.03 7.91 6.98
N ALA A 226 7.46 8.95 7.62
CA ALA A 226 6.03 9.21 7.59
C ALA A 226 5.68 9.95 6.29
N SER A 227 4.39 9.94 5.94
CA SER A 227 3.91 10.58 4.73
C SER A 227 2.90 11.67 5.09
N SER A 228 2.90 12.74 4.30
CA SER A 228 1.91 13.81 4.38
C SER A 228 1.07 13.78 3.11
N PHE A 229 0.05 12.90 3.11
CA PHE A 229 -0.69 12.56 1.91
C PHE A 229 -1.54 13.73 1.46
N HIS A 230 -1.41 14.07 0.16
CA HIS A 230 -2.10 15.19 -0.46
C HIS A 230 -2.29 14.90 -1.94
N VAL A 231 -3.55 15.02 -2.40
CA VAL A 231 -3.86 14.99 -3.82
C VAL A 231 -3.93 16.45 -4.29
N ILE A 232 -3.02 16.81 -5.19
CA ILE A 232 -2.90 18.18 -5.67
C ILE A 232 -4.12 18.51 -6.54
N GLY A 233 -4.89 19.49 -6.07
CA GLY A 233 -6.07 19.96 -6.77
C GLY A 233 -7.37 19.47 -6.13
N GLU A 234 -7.24 18.73 -5.03
CA GLU A 234 -8.38 18.13 -4.36
C GLU A 234 -8.31 18.36 -2.85
N ILE A 235 -9.49 18.40 -2.22
CA ILE A 235 -9.64 18.40 -0.78
C ILE A 235 -10.36 17.11 -0.39
N PHE A 236 -9.86 16.43 0.64
CA PHE A 236 -10.46 15.20 1.13
C PHE A 236 -11.75 15.54 1.88
N ASP A 237 -12.85 14.94 1.41
CA ASP A 237 -14.17 15.12 2.02
C ASP A 237 -14.20 14.42 3.37
N LYS A 238 -13.69 13.19 3.41
CA LYS A 238 -13.65 12.38 4.62
C LYS A 238 -12.32 11.64 4.71
N VAL A 239 -11.71 11.67 5.90
CA VAL A 239 -10.45 10.99 6.16
C VAL A 239 -10.59 10.16 7.43
N ASP A 240 -10.33 8.86 7.30
CA ASP A 240 -10.23 7.96 8.45
C ASP A 240 -8.79 7.98 8.94
N LEU A 241 -8.56 8.70 10.04
CA LEU A 241 -7.23 8.96 10.57
C LEU A 241 -6.63 7.66 11.12
N PHE A 242 -5.41 7.34 10.67
CA PHE A 242 -4.67 6.14 11.01
C PHE A 242 -5.40 4.90 10.47
N GLY A 243 -6.40 5.14 9.61
CA GLY A 243 -7.16 4.07 8.96
C GLY A 243 -8.06 3.32 9.94
N GLY A 244 -8.70 4.07 10.86
CA GLY A 244 -9.62 3.49 11.81
C GLY A 244 -11.07 3.73 11.40
N LEU A 245 -11.87 2.67 11.41
CA LEU A 245 -13.27 2.74 11.01
C LEU A 245 -14.17 2.49 12.20
N THR A 246 -13.86 3.15 13.33
CA THR A 246 -14.69 3.07 14.53
C THR A 246 -15.16 4.47 14.91
N THR A 247 -14.19 5.40 15.03
CA THR A 247 -14.45 6.80 15.32
C THR A 247 -14.89 7.50 14.02
N PRO A 248 -15.93 8.36 14.07
CA PRO A 248 -16.34 9.15 12.89
C PRO A 248 -15.17 9.88 12.23
N PRO A 249 -15.12 9.94 10.88
CA PRO A 249 -13.97 10.50 10.17
C PRO A 249 -13.88 12.03 10.24
N LEU A 250 -12.68 12.55 9.98
CA LEU A 250 -12.44 13.98 9.87
C LEU A 250 -13.02 14.46 8.54
N ALA A 251 -13.33 15.77 8.47
CA ALA A 251 -14.00 16.33 7.30
C ALA A 251 -13.25 17.57 6.82
N GLY A 252 -12.97 17.61 5.51
CA GLY A 252 -12.40 18.77 4.84
C GLY A 252 -10.93 18.98 5.20
N ILE A 253 -10.09 18.01 4.83
CA ILE A 253 -8.67 18.04 5.15
C ILE A 253 -7.86 18.13 3.86
N GLN A 254 -6.80 18.96 3.91
CA GLN A 254 -5.93 19.20 2.77
C GLN A 254 -4.83 18.14 2.75
N THR A 255 -4.13 17.99 3.88
CA THR A 255 -2.98 17.10 4.00
C THR A 255 -3.11 16.30 5.29
N VAL A 256 -2.90 14.98 5.19
CA VAL A 256 -3.05 14.08 6.32
C VAL A 256 -1.71 13.38 6.60
N THR A 257 -1.32 13.39 7.89
CA THR A 257 -0.11 12.73 8.34
C THR A 257 -0.39 11.24 8.49
N VAL A 258 0.32 10.44 7.68
CA VAL A 258 0.23 8.99 7.75
C VAL A 258 1.58 8.44 8.22
N PRO A 259 1.64 7.81 9.42
CA PRO A 259 2.90 7.30 9.95
C PRO A 259 3.33 6.01 9.26
N PRO A 260 4.61 5.59 9.37
CA PRO A 260 5.03 4.27 8.88
C PRO A 260 4.27 3.18 9.65
N GLY A 261 3.74 2.21 8.90
CA GLY A 261 2.90 1.16 9.46
C GLY A 261 1.49 1.64 9.77
N GLY A 262 1.17 2.86 9.29
CA GLY A 262 -0.14 3.46 9.48
C GLY A 262 -0.90 3.56 8.16
N ALA A 263 -2.18 3.96 8.25
CA ALA A 263 -3.06 4.00 7.09
C ALA A 263 -3.87 5.29 7.07
N ALA A 264 -4.65 5.46 6.01
CA ALA A 264 -5.62 6.54 5.87
C ALA A 264 -6.60 6.19 4.75
N ILE A 265 -7.90 6.36 5.04
CA ILE A 265 -8.94 6.22 4.04
C ILE A 265 -9.38 7.63 3.63
N ALA A 266 -8.92 8.06 2.45
CA ALA A 266 -9.20 9.38 1.94
C ALA A 266 -10.28 9.30 0.87
N GLU A 267 -11.37 10.04 1.08
CA GLU A 267 -12.48 10.12 0.15
C GLU A 267 -12.62 11.55 -0.33
N PHE A 268 -12.95 11.72 -1.61
CA PHE A 268 -13.17 13.04 -2.20
C PHE A 268 -14.03 12.94 -3.46
N LYS A 269 -14.73 14.03 -3.76
CA LYS A 269 -15.54 14.17 -4.96
C LYS A 269 -14.75 15.00 -5.97
N VAL A 270 -14.65 14.48 -7.21
CA VAL A 270 -13.96 15.16 -8.27
C VAL A 270 -14.98 15.96 -9.09
N GLU A 271 -14.72 17.26 -9.25
CA GLU A 271 -15.70 18.19 -9.79
C GLU A 271 -15.20 18.80 -11.11
N VAL A 272 -13.87 18.82 -11.28
CA VAL A 272 -13.25 19.54 -12.39
C VAL A 272 -12.35 18.58 -13.16
N PRO A 273 -12.42 18.56 -14.52
CA PRO A 273 -11.54 17.71 -15.32
C PRO A 273 -10.10 18.23 -15.37
N GLY A 274 -9.16 17.31 -15.60
CA GLY A 274 -7.75 17.64 -15.71
C GLY A 274 -6.85 16.60 -15.05
N THR A 275 -5.61 17.01 -14.76
CA THR A 275 -4.61 16.13 -14.16
C THR A 275 -4.45 16.49 -12.68
N TYR A 276 -4.47 15.45 -11.84
CA TYR A 276 -4.32 15.59 -10.40
C TYR A 276 -3.13 14.76 -9.93
N THR A 277 -2.38 15.28 -8.96
CA THR A 277 -1.11 14.69 -8.58
C THR A 277 -1.18 14.14 -7.15
N LEU A 278 -0.82 12.86 -7.01
CA LEU A 278 -0.68 12.22 -5.72
C LEU A 278 0.76 12.34 -5.25
N VAL A 279 0.96 13.01 -4.11
CA VAL A 279 2.29 13.26 -3.58
C VAL A 279 2.26 13.21 -2.05
N ASP A 280 3.41 12.88 -1.47
CA ASP A 280 3.73 13.25 -0.10
C ASP A 280 4.23 14.69 -0.14
N HIS A 281 3.73 15.52 0.80
CA HIS A 281 3.94 16.95 0.72
C HIS A 281 5.34 17.33 1.20
N ALA A 282 6.16 16.32 1.51
CA ALA A 282 7.60 16.46 1.54
C ALA A 282 8.09 16.34 0.10
N LEU A 283 8.04 17.47 -0.63
CA LEU A 283 7.97 17.45 -2.09
C LEU A 283 9.36 17.32 -2.72
N ALA A 284 10.39 17.10 -1.90
CA ALA A 284 11.71 16.77 -2.41
C ALA A 284 11.74 15.29 -2.79
N ARG A 285 10.79 14.53 -2.23
CA ARG A 285 10.65 13.10 -2.49
C ARG A 285 10.00 12.87 -3.84
N ALA A 286 9.31 13.91 -4.35
CA ALA A 286 8.67 13.88 -5.66
C ALA A 286 9.74 13.88 -6.75
N GLU A 287 10.97 14.26 -6.38
CA GLU A 287 12.10 14.26 -7.30
C GLU A 287 12.84 12.93 -7.20
N ARG A 288 12.34 12.05 -6.32
CA ARG A 288 12.96 10.75 -6.08
C ARG A 288 11.99 9.62 -6.41
N GLY A 289 10.92 9.96 -7.14
CA GLY A 289 10.03 8.96 -7.71
C GLY A 289 8.64 8.95 -7.06
N LEU A 290 8.49 9.69 -5.96
CA LEU A 290 7.24 9.72 -5.22
C LEU A 290 6.27 10.69 -5.89
N LEU A 291 5.66 10.22 -6.98
CA LEU A 291 4.75 11.02 -7.80
C LEU A 291 3.67 10.11 -8.38
N GLY A 292 2.40 10.53 -8.24
CA GLY A 292 1.27 9.80 -8.78
C GLY A 292 0.38 10.71 -9.62
N ILE A 293 -0.27 10.12 -10.64
CA ILE A 293 -1.10 10.87 -11.57
C ILE A 293 -2.52 10.34 -11.53
N LEU A 294 -3.48 11.26 -11.46
CA LEU A 294 -4.91 10.97 -11.55
C LEU A 294 -5.51 11.78 -12.70
N HIS A 295 -5.79 11.08 -13.81
CA HIS A 295 -6.39 11.69 -14.98
C HIS A 295 -7.91 11.73 -14.81
N VAL A 296 -8.48 12.94 -14.95
CA VAL A 296 -9.92 13.12 -14.85
C VAL A 296 -10.43 13.67 -16.19
N GLN A 297 -11.30 12.88 -16.83
CA GLN A 297 -11.85 13.21 -18.14
C GLN A 297 -13.33 13.53 -18.00
N GLY A 298 -13.79 14.55 -18.73
CA GLY A 298 -15.18 14.95 -18.74
C GLY A 298 -15.36 16.43 -19.11
N PRO A 299 -16.59 16.98 -18.99
CA PRO A 299 -16.86 18.38 -19.32
C PRO A 299 -16.35 19.34 -18.24
N GLU A 300 -16.09 20.59 -18.65
CA GLU A 300 -15.56 21.61 -17.76
C GLU A 300 -16.67 22.13 -16.86
N ASN A 301 -16.29 22.49 -15.62
CA ASN A 301 -17.22 23.01 -14.63
C ASN A 301 -16.78 24.42 -14.24
N PRO A 302 -17.28 25.46 -14.96
CA PRO A 302 -16.82 26.84 -14.75
C PRO A 302 -17.20 27.45 -13.40
N ASP A 303 -18.18 26.85 -12.73
CA ASP A 303 -18.67 27.36 -11.46
C ASP A 303 -17.70 27.01 -10.33
N ILE A 304 -16.94 25.92 -10.51
CA ILE A 304 -15.99 25.46 -9.51
C ILE A 304 -14.60 26.00 -9.87
N TYR A 305 -14.22 25.87 -11.15
CA TYR A 305 -12.95 26.35 -11.64
C TYR A 305 -13.08 26.76 -13.11
N ASN A 306 -12.54 27.95 -13.43
CA ASN A 306 -12.56 28.47 -14.79
C ASN A 306 -11.11 28.71 -15.25
CU CU B . 10.52 -11.25 4.34
CU CU C . 3.93 -3.59 11.94
YB YB D . 18.78 -20.22 6.42
YB YB E . -4.15 19.76 -16.86
YB YB F . -9.34 -11.15 0.55
ER ER3 G . -12.23 -17.23 0.55
ER ER3 H . -23.90 8.10 -12.28
ER ER3 I . 18.38 -7.18 -2.31
ER ER3 J . -23.91 29.47 -15.76
TB TB K . -21.60 8.00 -10.54
Y YT3 L . -23.67 6.28 -9.01
Y YT3 M . -9.27 -8.46 -7.11
CL CL N . -2.11 -11.23 -6.46
C02 9JE O . 6.95 -20.13 -7.63
C03 9JE O . 8.34 -19.57 -7.75
C04 9JE O . 8.45 -18.43 -8.73
C05 9JE O . 9.87 -17.90 -8.89
C06 9JE O . 10.54 -18.35 -10.15
O01 9JE O . 6.90 -21.23 -6.75
O07 9JE O . 11.93 -18.13 -10.10
C02 9JE P . -13.28 -21.34 4.13
C03 9JE P . -13.13 -22.82 4.30
C04 9JE P . -11.69 -23.26 4.51
C05 9JE P . -11.13 -24.04 3.34
C06 9JE P . -9.81 -24.71 3.64
O01 9JE P . -12.85 -20.90 2.85
O07 9JE P . -9.97 -25.86 4.44
C02 9JE Q . 17.60 -14.61 10.61
C03 9JE Q . 16.12 -14.66 10.90
C04 9JE Q . 15.73 -15.76 11.86
C05 9JE Q . 14.28 -16.18 11.74
C06 9JE Q . 13.89 -17.27 12.69
O01 9JE Q . 17.85 -14.00 9.36
O07 9JE Q . 13.55 -16.76 13.97
C02 9JE R . -6.71 -11.02 -3.35
C03 9JE R . -6.74 -12.43 -2.80
C04 9JE R . -5.38 -13.10 -2.83
C05 9JE R . -5.29 -14.30 -1.90
C06 9JE R . -5.48 -15.62 -2.61
O01 9JE R . -7.51 -10.15 -2.56
O07 9JE R . -6.63 -16.30 -2.13
C02 9JE S . -5.19 -27.91 3.37
C03 9JE S . -3.88 -27.21 3.13
C04 9JE S . -3.13 -27.74 1.93
C05 9JE S . -3.25 -26.86 0.71
C06 9JE S . -1.92 -26.35 0.19
O01 9JE S . -6.00 -27.18 4.29
O07 9JE S . -1.80 -24.96 0.38
C02 9JE T . -6.10 1.59 -14.57
C03 9JE T . -5.29 2.49 -15.47
C04 9JE T . -3.94 1.90 -15.84
C05 9JE T . -3.72 1.76 -17.34
C06 9JE T . -4.76 0.89 -18.03
O01 9JE T . -6.56 0.43 -15.23
O07 9JE T . -4.69 -0.47 -17.61
C02 9JE U . 26.24 -7.44 -8.02
C03 9JE U . 26.61 -6.16 -8.75
C04 9JE U . 28.03 -6.13 -9.26
C05 9JE U . 29.05 -5.74 -8.22
C06 9JE U . 29.15 -4.25 -7.99
O01 9JE U . 26.39 -7.29 -6.62
O07 9JE U . 28.81 -3.90 -6.66
#